data_1RAW
#
_entry.id   1RAW
#
_cell.length_a   1.000
_cell.length_b   1.000
_cell.length_c   1.000
_cell.angle_alpha   90.00
_cell.angle_beta   90.00
_cell.angle_gamma   90.00
#
_symmetry.space_group_name_H-M   'P 1'
#
loop_
_entity.id
_entity.type
_entity.pdbx_description
1 polymer 'RNA APTAMER'
2 non-polymer 'ADENOSINE MONOPHOSPHATE'
#
_entity_poly.entity_id   1
_entity_poly.type   'polyribonucleotide'
_entity_poly.pdbx_seq_one_letter_code
;GGGAAGGGAAGAAACUGCGGCUUCGGCCGGCUUCCC
;
_entity_poly.pdbx_strand_id   A
#
loop_
_chem_comp.id
_chem_comp.type
_chem_comp.name
_chem_comp.formula
A RNA linking ADENOSINE-5'-MONOPHOSPHATE 'C10 H14 N5 O7 P'
AMP non-polymer 'ADENOSINE MONOPHOSPHATE' 'C10 H14 N5 O7 P'
C RNA linking CYTIDINE-5'-MONOPHOSPHATE 'C9 H14 N3 O8 P'
G RNA linking GUANOSINE-5'-MONOPHOSPHATE 'C10 H14 N5 O8 P'
U RNA linking URIDINE-5'-MONOPHOSPHATE 'C9 H13 N2 O9 P'
#
# COMPACT_ATOMS: atom_id res chain seq x y z
P AMP B . -2.27 1.58 4.24
O1P AMP B . -1.00 0.82 4.18
O2P AMP B . -2.26 2.99 4.66
O3P AMP B . -3.29 0.77 5.18
O5' AMP B . -2.97 1.49 2.79
C5' AMP B . -3.07 0.23 2.11
C4' AMP B . -2.64 0.32 0.68
O4' AMP B . -1.44 1.06 0.55
C3' AMP B . -2.37 -1.06 0.16
O3' AMP B . -3.52 -1.62 -0.46
C2' AMP B . -1.21 -0.89 -0.75
O2' AMP B . -1.49 -1.15 -2.11
C1' AMP B . -0.74 0.52 -0.57
N9 AMP B . 0.65 0.46 -0.33
C8 AMP B . 1.29 0.06 0.77
N7 AMP B . 2.55 -0.21 0.70
C5 AMP B . 2.78 0.04 -0.68
C6 AMP B . 3.90 -0.05 -1.51
N6 AMP B . 5.05 -0.58 -1.11
N1 AMP B . 3.73 0.26 -2.81
C2 AMP B . 2.54 0.64 -3.25
N3 AMP B . 1.43 0.77 -2.56
C4 AMP B . 1.62 0.45 -1.28
HOP3 AMP B . -4.03 0.51 4.62
H5'1 AMP B . -4.11 -0.10 2.12
H5'2 AMP B . -2.46 -0.52 2.60
H4' AMP B . -3.41 0.79 0.06
H3' AMP B . -2.06 -1.69 1.00
HO3' AMP B . -3.35 -1.66 -1.42
H2' AMP B . -0.41 -1.54 -0.41
HO2' AMP B . -0.76 -0.82 -2.63
H1' AMP B . -0.97 1.08 -1.46
H8 AMP B . 0.69 -0.26 1.64
HN61 AMP B . 5.81 -0.69 -1.78
HN62 AMP B . 5.17 -0.89 -0.16
H2 AMP B . 2.45 0.80 -4.32
P AMP B . -2.88 1.96 4.04
O1P AMP B . -1.70 1.09 4.29
O2P AMP B . -2.84 3.38 4.44
O3P AMP B . -4.17 1.27 4.70
O5' AMP B . -3.22 1.90 2.46
C5' AMP B . -3.35 0.64 1.79
C4' AMP B . -2.86 0.70 0.38
O4' AMP B . -1.59 1.33 0.30
C3' AMP B . -2.74 -0.70 -0.16
O3' AMP B . -3.86 -1.03 -0.98
C2' AMP B . -1.43 -0.72 -0.86
O2' AMP B . -1.47 -1.11 -2.23
C1' AMP B . -0.87 0.67 -0.73
N9 AMP B . 0.52 0.53 -0.42
C8 AMP B . 1.08 0.13 0.72
N7 AMP B . 2.33 -0.18 0.73
C5 AMP B . 2.65 0.06 -0.63
C6 AMP B . 3.82 -0.08 -1.39
N6 AMP B . 4.93 -0.62 -0.92
N1 AMP B . 3.74 0.23 -2.70
C2 AMP B . 2.59 0.64 -3.23
N3 AMP B . 1.45 0.81 -2.61
C4 AMP B . 1.54 0.50 -1.32
HOP3 AMP B . -4.39 0.51 4.16
H5'1 AMP B . -4.40 0.34 1.77
H5'2 AMP B . -2.78 -0.13 2.31
H4' AMP B . -3.56 1.26 -0.26
H3' AMP B . -2.68 -1.40 0.67
HO3' AMP B . -3.53 -1.36 -1.82
H2' AMP B . -0.77 -1.38 -0.32
HO2' AMP B . -2.37 -1.43 -2.41
H1' AMP B . -1.02 1.20 -1.66
H8 AMP B . 0.42 -0.14 1.56
HN61 AMP B . 4.98 -0.92 0.04
HN62 AMP B . 5.72 -0.75 -1.54
H2 AMP B . 2.59 0.81 -4.29
P AMP B . -3.64 2.46 3.74
O1P AMP B . -2.99 3.58 4.46
O2P AMP B . -4.83 2.71 2.91
O3P AMP B . -3.98 1.30 4.82
O5' AMP B . -2.51 1.75 2.82
C5' AMP B . -2.76 0.50 2.16
C4' AMP B . -2.41 0.56 0.71
O4' AMP B . -1.17 1.22 0.50
C3' AMP B . -2.28 -0.85 0.18
O3' AMP B . -3.47 -1.25 -0.50
C2' AMP B . -1.08 -0.80 -0.70
O2' AMP B . -1.32 -1.17 -2.04
C1' AMP B . -0.54 0.59 -0.61
N9 AMP B . 0.87 0.46 -0.46
C8 AMP B . 1.55 0.02 0.60
N7 AMP B . 2.79 -0.31 0.45
C5 AMP B . 2.96 -0.04 -0.92
C6 AMP B . 4.03 -0.17 -1.81
N6 AMP B . 5.19 -0.74 -1.48
N1 AMP B . 3.83 0.18 -3.09
C2 AMP B . 2.63 0.63 -3.48
N3 AMP B . 1.55 0.79 -2.72
C4 AMP B . 1.79 0.43 -1.46
HOP3 AMP B . -4.67 0.76 4.42
H5'1 AMP B . -3.81 0.23 2.25
H5'2 AMP B . -2.14 -0.30 2.61
H4' AMP B . -3.20 1.08 0.15
H3' AMP B . -2.07 -1.52 1.00
HO3' AMP B . -3.22 -1.51 -1.41
H2' AMP B . -0.33 -1.46 -0.27
HO2' AMP B . -0.69 -0.69 -2.59
H1' AMP B . -0.79 1.13 -1.52
H8 AMP B . 0.99 -0.28 1.51
HN61 AMP B . 5.91 -0.86 -2.19
HN62 AMP B . 5.35 -1.08 -0.54
H2 AMP B . 2.50 0.85 -4.53
P AMP B . -2.08 1.65 4.19
O1P AMP B . -0.83 0.85 4.23
O2P AMP B . -2.08 3.05 4.68
O3P AMP B . -3.22 0.83 4.96
O5' AMP B . -2.62 1.64 2.68
C5' AMP B . -2.78 0.41 1.95
C4' AMP B . -2.33 0.52 0.53
O4' AMP B . -1.09 1.19 0.41
C3' AMP B . -2.15 -0.87 -0.01
O3' AMP B . -3.31 -1.31 -0.71
C2' AMP B . -0.93 -0.78 -0.86
O2' AMP B . -1.15 -1.08 -2.23
C1' AMP B . -0.42 0.62 -0.71
N9 AMP B . 0.97 0.49 -0.48
C8 AMP B . 1.60 0.05 0.61
N7 AMP B . 2.84 -0.29 0.53
C5 AMP B . 3.07 -0.03 -0.84
C6 AMP B . 4.18 -0.18 -1.69
N6 AMP B . 5.30 -0.78 -1.31
N1 AMP B . 4.02 0.17 -2.97
C2 AMP B . 2.85 0.63 -3.42
N3 AMP B . 1.76 0.81 -2.72
C4 AMP B . 1.92 0.46 -1.44
HOP3 AMP B . -3.30 -0.02 4.53
H5'1 AMP B . -3.82 0.11 1.95
H5'2 AMP B . -2.18 -0.38 2.43
H4' AMP B . -3.07 1.04 -0.08
H3' AMP B . -1.94 -1.54 0.81
HO3' AMP B . -3.06 -1.54 -1.62
H2' AMP B . -0.19 -1.45 -0.45
HO2' AMP B . -0.43 -0.68 -2.74
H1' AMP B . -0.64 1.18 -1.61
H8 AMP B . 0.98 -0.25 1.48
HN61 AMP B . 6.04 -0.92 -1.98
HN62 AMP B . 5.40 -1.12 -0.36
H2 AMP B . 2.78 0.84 -4.48
P AMP B . -0.60 0.54 3.41
O1P AMP B . -0.86 0.17 4.82
O2P AMP B . -0.47 1.96 3.04
O3P AMP B . 0.72 -0.24 2.92
O5' AMP B . -1.76 -0.12 2.49
C5' AMP B . -1.42 -0.87 1.32
C4' AMP B . -1.66 -0.08 0.06
O4' AMP B . -1.03 1.20 0.11
C3' AMP B . -1.12 -0.81 -1.14
O3' AMP B . -2.02 -1.78 -1.68
C2' AMP B . -0.84 0.29 -2.07
O2' AMP B . -2.02 0.72 -2.74
C1' AMP B . -0.30 1.33 -1.12
N9 AMP B . 1.07 0.99 -0.87
C8 AMP B . 1.66 0.56 0.25
N7 AMP B . 2.86 0.08 0.18
C5 AMP B . 3.09 0.22 -1.20
C6 AMP B . 4.16 -0.11 -2.06
N6 AMP B . 5.24 -0.75 -1.66
N1 AMP B . 3.99 0.16 -3.38
C2 AMP B . 2.84 0.69 -3.81
N3 AMP B . 1.82 1.03 -3.09
C4 AMP B . 1.99 0.77 -1.82
HOP3 AMP B . 1.40 -0.07 3.57
H5'1 AMP B . -2.02 -1.76 1.28
H5'2 AMP B . -0.37 -1.14 1.36
H4' AMP B . -2.68 0.07 -0.09
H3' AMP B . -0.18 -1.28 -0.86
HO3' AMP B . -2.89 -1.62 -1.30
H2' AMP B . -0.06 0.00 -2.79
HO2' AMP B . -2.09 0.22 -3.55
H1' AMP B . -0.39 2.33 -1.50
H8 AMP B . 1.02 0.34 1.11
HN61 AMP B . 5.36 -1.00 -0.70
HN62 AMP B . 5.97 -0.98 -2.34
H2 AMP B . 2.72 0.81 -4.88
P AMP B . -2.59 1.93 4.21
O1P AMP B . -1.59 0.88 4.49
O2P AMP B . -2.33 3.34 4.59
O3P AMP B . -4.00 1.48 4.86
O5' AMP B . -2.93 1.90 2.63
C5' AMP B . -3.07 0.66 1.95
C4' AMP B . -2.72 0.77 0.51
O4' AMP B . -1.42 1.36 0.36
C3' AMP B . -2.68 -0.60 -0.08
O3' AMP B . -3.81 -0.82 -0.91
C2' AMP B . -1.35 -0.70 -0.75
O2' AMP B . -1.38 -1.14 -2.10
C1' AMP B . -0.76 0.67 -0.67
N9 AMP B . 0.65 0.51 -0.39
C8 AMP B . 1.24 0.10 0.73
N7 AMP B . 2.49 -0.22 0.70
C5 AMP B . 2.77 0.02 -0.66
C6 AMP B . 3.92 -0.12 -1.45
N6 AMP B . 5.05 -0.66 -1.01
N1 AMP B . 3.82 0.20 -2.75
C2 AMP B . 2.65 0.62 -3.24
N3 AMP B . 1.52 0.79 -2.59
C4 AMP B . 1.64 0.47 -1.31
HOP3 AMP B . -4.26 0.66 4.43
H5'1 AMP B . -4.11 0.32 1.99
H5'2 AMP B . -2.43 -0.11 2.39
H4' AMP B . -3.45 1.37 -0.04
H3' AMP B . -2.68 -1.33 0.73
HO3' AMP B . -3.51 -1.32 -1.69
H2' AMP B . -0.72 -1.36 -0.17
HO2' AMP B . -2.30 -1.41 -2.30
H1' AMP B . -0.91 1.16 -1.61
H8 AMP B . 0.62 -0.14 1.61
HN61 AMP B . 5.82 -0.79 -1.63
HN62 AMP B . 5.11 -0.97 -0.05
H2 AMP B . 2.61 0.81 -4.30
P AMP B . -1.03 -0.73 4.15
O1P AMP B . -1.56 -1.99 4.75
O2P AMP B . -1.07 0.52 4.94
O3P AMP B . 0.50 -0.99 3.71
O5' AMP B . -1.78 -0.49 2.75
C5' AMP B . -1.42 -1.27 1.61
C4' AMP B . -1.73 -0.53 0.32
O4' AMP B . -1.23 0.80 0.35
C3' AMP B . -1.14 -1.23 -0.87
O3' AMP B . -2.03 -2.19 -1.46
C2' AMP B . -0.85 -0.10 -1.78
O2' AMP B . -2.00 0.31 -2.50
C1' AMP B . -0.39 0.95 -0.79
N9 AMP B . 0.97 0.63 -0.42
C8 AMP B . 1.45 0.23 0.76
N7 AMP B . 2.64 -0.24 0.82
C5 AMP B . 3.01 -0.12 -0.53
C6 AMP B . 4.16 -0.45 -1.23
N6 AMP B . 5.21 -1.02 -0.63
N1 AMP B . 4.18 -0.22 -2.56
C2 AMP B . 3.10 0.30 -3.15
N3 AMP B . 1.97 0.65 -2.58
C4 AMP B . 1.99 0.40 -1.27
HOP3 AMP B . 0.95 -1.39 4.45
H5'1 AMP B . -1.97 -2.19 1.61
H5'2 AMP B . -0.36 -1.47 1.64
H4' AMP B . -2.77 -0.50 0.18
H3' AMP B . -0.21 -1.71 -0.58
HO3' AMP B . -2.93 -1.86 -1.36
H2' AMP B . -0.03 -0.36 -2.46
HO2' AMP B . -2.00 -0.18 -3.33
H1' AMP B . -0.46 1.95 -1.20
H8 AMP B . 0.76 0.09 1.59
HN61 AMP B . 6.09 -1.09 -1.12
HN62 AMP B . 5.12 -1.40 0.29
H2 AMP B . 3.12 0.42 -4.24
P AMP B . -0.99 1.09 3.41
O1P AMP B . 0.36 0.54 3.62
O2P AMP B . -1.15 2.39 2.71
O3P AMP B . -1.71 1.21 4.84
O5' AMP B . -1.89 -0.01 2.66
C5' AMP B . -1.38 -0.74 1.55
C4' AMP B . -1.61 -0.02 0.24
O4' AMP B . -1.01 1.28 0.23
C3' AMP B . -1.01 -0.80 -0.91
O3' AMP B . -1.86 -1.82 -1.42
C2' AMP B . -0.72 0.27 -1.89
O2' AMP B . -1.88 0.66 -2.61
C1' AMP B . -0.25 1.37 -0.96
N9 AMP B . 1.12 1.07 -0.65
C8 AMP B . 1.68 0.68 0.51
N7 AMP B . 2.88 0.20 0.48
C5 AMP B . 3.14 0.27 -0.90
C6 AMP B . 4.23 -0.09 -1.71
N6 AMP B . 5.31 -0.71 -1.24
N1 AMP B . 4.10 0.11 -3.04
C2 AMP B . 2.98 0.64 -3.52
N3 AMP B . 1.93 1.01 -2.85
C4 AMP B . 2.07 0.80 -1.55
HOP3 AMP B . -2.39 0.52 4.88
H5'1 AMP B . -1.85 -1.71 1.49
H5'2 AMP B . -0.31 -0.88 1.68
H4' AMP B . -2.64 0.09 0.04
H3' AMP B . -0.05 -1.22 -0.58
HO3' AMP B . -2.77 -1.53 -1.33
H2' AMP B . 0.08 -0.03 -2.56
HO2' AMP B . -1.91 0.11 -3.41
H1' AMP B . -0.35 2.34 -1.40
H8 AMP B . 1.02 0.50 1.37
HN61 AMP B . 5.42 -0.90 -0.26
HN62 AMP B . 6.03 -1.01 -1.90
H2 AMP B . 2.88 0.72 -4.60
P AMP B . -1.16 -0.60 3.87
O1P AMP B . 0.20 -1.11 3.59
O2P AMP B . -1.34 0.70 4.54
O3P AMP B . -1.95 -1.71 4.73
O5' AMP B . -2.00 -0.58 2.50
C5' AMP B . -1.61 -1.41 1.39
C4' AMP B . -1.86 -0.72 0.08
O4' AMP B . -1.34 0.61 0.09
C3' AMP B . -1.25 -1.46 -1.07
O3' AMP B . -2.13 -2.42 -1.66
C2' AMP B . -0.91 -0.34 -2.00
O2' AMP B . -2.04 0.07 -2.76
C1' AMP B . -0.46 0.71 -1.02
N9 AMP B . 0.87 0.35 -0.60
C8 AMP B . 1.31 -0.10 0.57
N7 AMP B . 2.47 -0.61 0.66
C5 AMP B . 2.89 -0.49 -0.67
C6 AMP B . 4.05 -0.83 -1.34
N6 AMP B . 5.04 -1.46 -0.74
N1 AMP B . 4.12 -0.57 -2.66
C2 AMP B . 3.08 0.01 -3.28
N3 AMP B . 1.95 0.38 -2.73
C4 AMP B . 1.91 0.11 -1.43
HOP3 AMP B . -2.89 -1.54 4.62
H5'1 AMP B . -2.20 -2.31 1.42
H5'2 AMP B . -0.56 -1.64 1.46
H4' AMP B . -2.89 -0.67 -0.09
H3' AMP B . -0.34 -1.92 -0.74
HO3' AMP B . -3.04 -2.06 -1.61
H2' AMP B . -0.09 -0.64 -2.64
HO2' AMP B . -1.93 -0.29 -3.65
H1' AMP B . -0.48 1.70 -1.43
H8 AMP B . 0.60 -0.23 1.37
HN61 AMP B . 4.89 -1.88 0.17
HN62 AMP B . 5.95 -1.51 -1.18
H2 AMP B . 3.15 0.16 -4.35
P AMP B . -2.78 1.56 4.40
O1P AMP B . -1.68 0.63 4.76
O2P AMP B . -2.75 2.96 4.90
O3P AMP B . -4.17 0.89 4.87
O5' AMP B . -2.92 1.60 2.81
C5' AMP B . -3.02 0.38 2.06
C4' AMP B . -2.55 0.53 0.66
O4' AMP B . -1.27 1.15 0.62
C3' AMP B . -2.41 -0.84 0.07
O3' AMP B . -3.55 -1.17 -0.72
C2' AMP B . -1.13 -0.79 -0.69
O2' AMP B . -1.26 -1.09 -2.06
C1' AMP B . -0.60 0.58 -0.49
N9 AMP B . 0.81 0.45 -0.26
C8 AMP B . 1.42 0.00 0.83
N7 AMP B . 2.65 -0.33 0.76
C5 AMP B . 2.91 -0.06 -0.60
C6 AMP B . 4.03 -0.20 -1.41
N6 AMP B . 5.15 -0.78 -1.02
N1 AMP B . 3.90 0.16 -2.70
C2 AMP B . 2.74 0.61 -3.16
N3 AMP B . 1.63 0.78 -2.48
C4 AMP B . 1.77 0.43 -1.21
HOP3 AMP B . -4.25 0.06 4.41
H5'1 AMP B . -4.05 0.05 2.03
H5'2 AMP B . -2.41 -0.40 2.53
H4' AMP B . -3.25 1.11 0.06
H3' AMP B . -2.29 -1.56 0.87
HO3' AMP B . -3.22 -1.47 -1.59
H2' AMP B . -0.44 -1.49 -0.23
HO2' AMP B . -0.51 -0.68 -2.51
H1' AMP B . -0.81 1.17 -1.38
H8 AMP B . 0.80 -0.31 1.69
HN61 AMP B . 5.91 -0.91 -1.67
HN62 AMP B . 5.24 -1.12 -0.07
H2 AMP B . 2.68 0.80 -4.22
#